data_1E2E
#
_entry.id   1E2E
#
_cell.length_a   101.600
_cell.length_b   101.600
_cell.length_c   49.900
_cell.angle_alpha   90.00
_cell.angle_beta   90.00
_cell.angle_gamma   90.00
#
_symmetry.space_group_name_H-M   'P 43 21 2'
#
loop_
_entity.id
_entity.type
_entity.pdbx_description
1 polymer 'THYMIDYLATE KINASE'
2 non-polymer "THYMIDINE-5'-PHOSPHATE"
3 non-polymer "ADENOSINE-5'-DIPHOSPHATE"
4 non-polymer 'MAGNESIUM ION'
5 non-polymer 'ALUMINUM FLUORIDE'
6 water water
#
_entity_poly.entity_id   1
_entity_poly.type   'polypeptide(L)'
_entity_poly.pdbx_seq_one_letter_code
;GSHMAARRGALIVLEGVDRAGKSTQSRKLVEALCAAGHRAELLRFPERSTEIGKLLSSYLQKKSDVEDHSVHLLFSANRW
EQVPLIKEKLSQGVTLVVDRYAFSGVAFTGAKENFSLDWCKQPDVGLPKPDLVLFLQLQLADAAKRGAFGHERYENGAFQ
ERALRCFHQLMKDTTLNWKMVDASKSIEAVHEDIRVLSEDAIATATEKPLGELWK
;
_entity_poly.pdbx_strand_id   A
#
loop_
_chem_comp.id
_chem_comp.type
_chem_comp.name
_chem_comp.formula
ADP non-polymer ADENOSINE-5'-DIPHOSPHATE 'C10 H15 N5 O10 P2'
AF3 non-polymer 'ALUMINUM FLUORIDE' 'Al F3'
MG non-polymer 'MAGNESIUM ION' 'Mg 2'
TMP non-polymer THYMIDINE-5'-PHOSPHATE 'C10 H15 N2 O8 P'
#
# COMPACT_ATOMS: atom_id res chain seq x y z
N ARG A 7 16.76 16.10 7.81
CA ARG A 7 16.34 15.94 6.43
C ARG A 7 15.18 14.90 6.49
N ARG A 8 14.09 15.19 5.86
CA ARG A 8 12.95 14.24 6.05
C ARG A 8 13.24 12.80 5.69
N GLY A 9 12.44 11.87 6.21
CA GLY A 9 12.46 10.45 5.83
C GLY A 9 11.69 10.31 4.53
N ALA A 10 11.75 9.12 3.92
CA ALA A 10 11.02 8.89 2.67
C ALA A 10 9.66 8.17 3.05
N LEU A 11 8.70 8.34 2.17
CA LEU A 11 7.39 7.66 2.37
C LEU A 11 7.37 6.58 1.32
N ILE A 12 7.57 5.32 1.67
CA ILE A 12 7.63 4.24 0.72
C ILE A 12 6.41 3.30 0.90
N VAL A 13 5.71 3.09 -0.21
CA VAL A 13 4.55 2.20 -0.20
C VAL A 13 4.77 0.90 -0.96
N LEU A 14 4.31 -0.23 -0.32
CA LEU A 14 4.32 -1.47 -1.06
C LEU A 14 2.84 -1.82 -1.37
N GLU A 15 2.58 -2.12 -2.64
CA GLU A 15 1.28 -2.54 -3.14
C GLU A 15 1.55 -3.81 -3.94
N GLY A 16 0.50 -4.51 -4.28
CA GLY A 16 0.48 -5.70 -5.10
C GLY A 16 -0.76 -6.53 -4.81
N VAL A 17 -1.10 -7.53 -5.60
CA VAL A 17 -2.26 -8.35 -5.28
C VAL A 17 -1.92 -9.20 -4.04
N ASP A 18 -2.98 -9.80 -3.51
CA ASP A 18 -2.78 -10.73 -2.37
C ASP A 18 -1.74 -11.79 -2.65
N ARG A 19 -0.95 -12.12 -1.62
CA ARG A 19 0.11 -13.10 -1.57
C ARG A 19 1.34 -12.73 -2.37
N ALA A 20 1.41 -11.51 -2.87
CA ALA A 20 2.58 -11.08 -3.63
C ALA A 20 3.76 -10.90 -2.66
N GLY A 21 3.53 -10.88 -1.34
CA GLY A 21 4.70 -10.76 -0.44
C GLY A 21 4.77 -9.35 0.11
N LYS A 22 3.70 -8.57 0.07
CA LYS A 22 3.84 -7.20 0.58
C LYS A 22 4.24 -7.13 2.06
N SER A 23 3.61 -7.94 2.88
CA SER A 23 3.84 -7.85 4.35
C SER A 23 5.24 -8.39 4.70
N THR A 24 5.60 -9.51 4.12
CA THR A 24 6.97 -10.01 4.36
C THR A 24 8.07 -9.03 3.91
N GLN A 25 7.97 -8.44 2.72
CA GLN A 25 8.99 -7.52 2.24
C GLN A 25 8.99 -6.21 3.02
N SER A 26 7.77 -5.77 3.42
CA SER A 26 7.70 -4.58 4.21
C SER A 26 8.47 -4.77 5.50
N ARG A 27 8.23 -5.90 6.21
CA ARG A 27 8.99 -6.08 7.47
C ARG A 27 10.46 -6.23 7.24
N LYS A 28 10.78 -6.98 6.18
CA LYS A 28 12.25 -7.15 5.94
C LYS A 28 12.90 -5.83 5.49
N LEU A 29 12.19 -5.01 4.75
CA LEU A 29 12.81 -3.71 4.31
C LEU A 29 13.10 -2.84 5.52
N VAL A 30 12.09 -2.75 6.42
CA VAL A 30 12.36 -1.91 7.65
C VAL A 30 13.62 -2.41 8.36
N GLU A 31 13.74 -3.73 8.59
CA GLU A 31 14.89 -4.33 9.20
C GLU A 31 16.20 -3.97 8.48
N ALA A 32 16.28 -4.18 7.17
CA ALA A 32 17.52 -3.85 6.46
C ALA A 32 17.85 -2.35 6.58
N LEU A 33 16.83 -1.47 6.50
CA LEU A 33 17.04 -0.02 6.54
C LEU A 33 17.58 0.32 7.93
N CYS A 34 17.01 -0.27 8.98
CA CYS A 34 17.48 0.04 10.32
C CYS A 34 18.93 -0.46 10.46
N ALA A 35 19.26 -1.64 9.94
CA ALA A 35 20.63 -2.16 10.05
C ALA A 35 21.64 -1.32 9.25
N ALA A 36 21.25 -0.52 8.25
CA ALA A 36 22.09 0.31 7.44
C ALA A 36 22.13 1.75 8.03
N GLY A 37 21.70 1.82 9.26
CA GLY A 37 21.77 3.03 10.08
C GLY A 37 20.62 3.99 9.80
N HIS A 38 19.58 3.68 9.02
CA HIS A 38 18.48 4.63 8.92
C HIS A 38 17.50 4.50 10.12
N ARG A 39 16.70 5.53 10.34
CA ARG A 39 15.59 5.52 11.29
C ARG A 39 14.41 5.06 10.38
N ALA A 40 13.82 3.92 10.60
CA ALA A 40 12.69 3.54 9.73
C ALA A 40 11.63 2.85 10.58
N GLU A 41 10.38 2.86 10.12
CA GLU A 41 9.29 2.21 10.84
C GLU A 41 8.28 1.66 9.80
N LEU A 42 7.60 0.65 10.26
CA LEU A 42 6.53 0.03 9.49
C LEU A 42 5.15 0.58 9.78
N LEU A 43 4.37 0.87 8.76
CA LEU A 43 2.95 1.20 8.90
C LEU A 43 2.17 0.24 7.96
N ARG A 44 0.93 -0.04 8.28
CA ARG A 44 0.05 -0.84 7.43
C ARG A 44 -1.39 -0.25 7.29
N PHE A 45 -2.00 -0.49 6.13
CA PHE A 45 -3.41 -0.14 5.98
C PHE A 45 -4.16 -1.38 5.52
N PRO A 46 -5.36 -1.63 6.05
CA PRO A 46 -5.94 -0.86 7.11
C PRO A 46 -5.16 -1.04 8.40
N GLU A 47 -5.20 -0.05 9.22
CA GLU A 47 -4.60 -0.01 10.56
C GLU A 47 -5.76 -0.37 11.49
N ARG A 48 -5.78 -1.66 11.83
CA ARG A 48 -6.93 -2.25 12.52
C ARG A 48 -7.12 -1.92 13.99
N SER A 49 -6.25 -1.19 14.62
CA SER A 49 -6.36 -0.92 16.05
C SER A 49 -7.13 0.31 16.41
N THR A 50 -7.52 1.18 15.45
CA THR A 50 -8.33 2.33 15.87
C THR A 50 -9.81 1.93 15.88
N GLU A 51 -10.73 2.81 16.28
CA GLU A 51 -12.18 2.40 16.18
C GLU A 51 -12.58 2.16 14.74
N ILE A 52 -12.13 3.07 13.84
CA ILE A 52 -12.48 2.78 12.41
C ILE A 52 -11.89 1.47 12.02
N GLY A 53 -10.57 1.26 12.35
CA GLY A 53 -9.93 0.01 11.92
C GLY A 53 -10.63 -1.27 12.40
N LYS A 54 -11.20 -1.21 13.58
CA LYS A 54 -11.97 -2.39 14.04
C LYS A 54 -13.23 -2.61 13.22
N LEU A 55 -13.92 -1.53 12.79
CA LEU A 55 -15.11 -1.76 11.93
C LEU A 55 -14.62 -2.39 10.63
N LEU A 56 -13.45 -1.89 10.19
CA LEU A 56 -12.92 -2.41 8.90
C LEU A 56 -12.49 -3.89 9.02
N SER A 57 -11.93 -4.23 10.16
CA SER A 57 -11.40 -5.58 10.38
C SER A 57 -12.62 -6.52 10.45
N SER A 58 -13.66 -6.01 11.09
CA SER A 58 -14.87 -6.84 11.15
C SER A 58 -15.44 -7.10 9.77
N TYR A 59 -15.57 -6.07 8.94
CA TYR A 59 -16.05 -6.21 7.56
C TYR A 59 -15.25 -7.20 6.76
N LEU A 60 -13.91 -7.10 6.86
CA LEU A 60 -13.06 -7.97 6.04
C LEU A 60 -13.16 -9.43 6.47
N GLN A 61 -13.33 -9.66 7.75
CA GLN A 61 -13.44 -11.05 8.23
C GLN A 61 -14.86 -11.58 7.96
N LYS A 62 -15.74 -10.73 7.43
CA LYS A 62 -17.13 -11.08 7.20
C LYS A 62 -17.89 -11.29 8.51
N LYS A 63 -17.48 -10.67 9.59
CA LYS A 63 -18.29 -10.76 10.81
C LYS A 63 -19.40 -9.69 10.68
N SER A 64 -19.25 -8.76 9.74
CA SER A 64 -20.30 -7.75 9.52
C SER A 64 -20.29 -7.32 8.07
N ASP A 65 -21.38 -6.75 7.58
CA ASP A 65 -21.47 -6.22 6.23
C ASP A 65 -21.64 -4.70 6.39
N VAL A 66 -21.14 -4.02 5.36
CA VAL A 66 -21.17 -2.55 5.43
C VAL A 66 -21.49 -2.10 4.00
N GLU A 67 -22.43 -1.22 3.76
CA GLU A 67 -22.72 -0.72 2.43
C GLU A 67 -21.45 -0.26 1.71
N ASP A 68 -21.25 -0.61 0.42
CA ASP A 68 -19.99 -0.43 -0.27
C ASP A 68 -19.42 0.98 -0.28
N HIS A 69 -20.25 2.01 -0.42
CA HIS A 69 -19.74 3.38 -0.43
C HIS A 69 -19.22 3.60 0.97
N SER A 70 -20.04 3.38 1.99
CA SER A 70 -19.58 3.71 3.36
C SER A 70 -18.21 3.05 3.65
N VAL A 71 -18.04 1.77 3.30
CA VAL A 71 -16.82 1.04 3.62
C VAL A 71 -15.59 1.60 2.89
N HIS A 72 -15.76 2.05 1.64
CA HIS A 72 -14.75 2.78 0.92
C HIS A 72 -14.28 4.02 1.66
N LEU A 73 -15.26 4.74 2.21
CA LEU A 73 -15.00 5.98 2.94
C LEU A 73 -14.30 5.66 4.27
N LEU A 74 -14.70 4.58 4.94
CA LEU A 74 -14.03 4.16 6.16
C LEU A 74 -12.54 3.80 5.87
N PHE A 75 -12.30 3.09 4.79
CA PHE A 75 -10.85 2.78 4.49
C PHE A 75 -10.02 4.04 4.28
N SER A 76 -10.60 5.08 3.63
CA SER A 76 -9.92 6.36 3.41
C SER A 76 -9.75 7.13 4.70
N ALA A 77 -10.85 7.21 5.49
CA ALA A 77 -10.67 7.86 6.80
C ALA A 77 -9.60 7.20 7.66
N ASN A 78 -9.48 5.91 7.68
CA ASN A 78 -8.43 5.19 8.38
C ASN A 78 -7.04 5.71 8.04
N ARG A 79 -6.79 6.06 6.81
CA ARG A 79 -5.57 6.69 6.38
C ARG A 79 -5.45 8.10 6.92
N TRP A 80 -6.50 8.92 6.74
CA TRP A 80 -6.39 10.30 7.16
C TRP A 80 -6.18 10.43 8.63
N GLU A 81 -6.73 9.45 9.40
CA GLU A 81 -6.46 9.60 10.86
C GLU A 81 -5.00 9.36 11.20
N GLN A 82 -4.23 8.67 10.37
CA GLN A 82 -2.76 8.54 10.67
C GLN A 82 -1.92 9.64 9.99
N VAL A 83 -2.52 10.61 9.26
CA VAL A 83 -1.72 11.64 8.58
C VAL A 83 -0.88 12.49 9.53
N PRO A 84 -1.38 13.02 10.62
CA PRO A 84 -0.59 13.80 11.56
C PRO A 84 0.66 13.03 11.95
N LEU A 85 0.61 11.78 12.30
CA LEU A 85 1.72 10.89 12.66
C LEU A 85 2.66 10.66 11.47
N ILE A 86 2.08 10.40 10.27
CA ILE A 86 2.93 10.26 9.11
C ILE A 86 3.78 11.52 8.90
N LYS A 87 3.14 12.70 8.89
CA LYS A 87 3.87 13.92 8.64
C LYS A 87 4.92 14.18 9.70
N GLU A 88 4.54 13.90 10.95
CA GLU A 88 5.52 14.15 11.99
C GLU A 88 6.74 13.22 11.85
N LYS A 89 6.46 11.90 11.70
CA LYS A 89 7.62 10.99 11.61
C LYS A 89 8.52 11.36 10.44
N LEU A 90 7.99 11.61 9.21
CA LEU A 90 8.80 11.97 8.08
C LEU A 90 9.59 13.24 8.47
N SER A 91 8.94 14.22 9.12
CA SER A 91 9.65 15.48 9.35
C SER A 91 10.83 15.28 10.28
N GLN A 92 10.76 14.27 11.14
CA GLN A 92 11.83 13.94 12.01
C GLN A 92 12.93 13.05 11.36
N GLY A 93 12.91 12.80 10.07
CA GLY A 93 13.93 11.94 9.47
C GLY A 93 13.65 10.46 9.61
N VAL A 94 12.38 10.10 9.88
CA VAL A 94 12.09 8.66 9.93
C VAL A 94 11.49 8.21 8.61
N THR A 95 12.11 7.22 7.98
CA THR A 95 11.53 6.68 6.74
C THR A 95 10.38 5.74 7.07
N LEU A 96 9.22 5.89 6.33
CA LEU A 96 8.04 5.04 6.63
C LEU A 96 7.79 4.08 5.48
N VAL A 97 7.70 2.79 5.85
CA VAL A 97 7.46 1.69 4.92
C VAL A 97 6.00 1.26 5.15
N VAL A 98 5.17 1.36 4.13
CA VAL A 98 3.68 1.22 4.36
C VAL A 98 3.19 0.09 3.48
N ASP A 99 2.59 -0.86 4.20
CA ASP A 99 2.08 -2.08 3.55
C ASP A 99 0.64 -1.76 3.12
N ARG A 100 0.47 -1.37 1.90
CA ARG A 100 -0.75 -0.94 1.27
C ARG A 100 -1.11 0.52 1.63
N TYR A 101 -1.71 1.19 0.65
CA TYR A 101 -2.13 2.60 0.89
C TYR A 101 -3.39 2.88 0.08
N ALA A 102 -3.55 4.10 -0.45
CA ALA A 102 -4.73 4.49 -1.19
C ALA A 102 -4.89 3.80 -2.54
N PHE A 103 -3.79 3.20 -3.02
CA PHE A 103 -3.97 2.52 -4.36
C PHE A 103 -4.78 1.26 -4.11
N SER A 104 -4.47 0.48 -3.04
CA SER A 104 -5.31 -0.66 -2.69
C SER A 104 -6.76 -0.18 -2.43
N GLY A 105 -6.93 0.92 -1.71
CA GLY A 105 -8.29 1.49 -1.50
C GLY A 105 -9.07 1.66 -2.83
N VAL A 106 -8.49 2.27 -3.83
CA VAL A 106 -9.09 2.48 -5.15
C VAL A 106 -9.24 1.22 -5.96
N ALA A 107 -8.16 0.41 -6.00
CA ALA A 107 -8.30 -0.85 -6.70
C ALA A 107 -9.38 -1.80 -6.16
N PHE A 108 -9.55 -1.94 -4.85
CA PHE A 108 -10.48 -2.93 -4.35
C PHE A 108 -11.93 -2.41 -4.43
N THR A 109 -12.18 -1.13 -4.17
CA THR A 109 -13.60 -0.68 -4.32
C THR A 109 -13.91 -0.56 -5.82
N GLY A 110 -12.98 -0.07 -6.62
CA GLY A 110 -13.24 0.12 -8.06
C GLY A 110 -13.38 -1.18 -8.85
N ALA A 111 -13.07 -2.31 -8.20
CA ALA A 111 -13.32 -3.60 -8.81
C ALA A 111 -14.79 -3.99 -8.63
N LYS A 112 -15.54 -3.26 -7.82
CA LYS A 112 -16.95 -3.52 -7.57
C LYS A 112 -17.74 -2.83 -8.67
N GLU A 113 -18.92 -3.37 -9.02
CA GLU A 113 -19.68 -2.76 -10.11
C GLU A 113 -20.20 -1.38 -9.71
N ASN A 114 -20.16 -0.50 -10.70
CA ASN A 114 -20.72 0.83 -10.54
C ASN A 114 -19.88 1.74 -9.66
N PHE A 115 -18.55 1.53 -9.60
CA PHE A 115 -17.74 2.51 -8.84
C PHE A 115 -16.75 3.12 -9.83
N SER A 116 -16.80 4.40 -10.15
CA SER A 116 -15.80 4.94 -11.12
C SER A 116 -14.46 5.12 -10.37
N LEU A 117 -13.39 4.96 -11.13
CA LEU A 117 -12.07 5.22 -10.60
C LEU A 117 -12.08 6.63 -10.00
N ASP A 118 -12.71 7.59 -10.72
CA ASP A 118 -12.63 8.96 -10.21
C ASP A 118 -13.24 9.06 -8.79
N TRP A 119 -14.47 8.55 -8.64
CA TRP A 119 -15.18 8.63 -7.35
C TRP A 119 -14.29 8.00 -6.25
N CYS A 120 -13.68 6.86 -6.57
CA CYS A 120 -12.91 6.11 -5.57
C CYS A 120 -11.61 6.85 -5.19
N LYS A 121 -11.10 7.68 -6.10
CA LYS A 121 -9.86 8.38 -5.72
C LYS A 121 -10.15 9.56 -4.81
N GLN A 122 -11.25 10.27 -4.95
CA GLN A 122 -11.45 11.54 -4.25
C GLN A 122 -11.19 11.64 -2.77
N PRO A 123 -11.67 10.68 -1.95
CA PRO A 123 -11.49 10.79 -0.52
C PRO A 123 -10.02 10.88 -0.15
N ASP A 124 -9.17 10.19 -0.96
CA ASP A 124 -7.73 10.09 -0.72
C ASP A 124 -6.92 11.22 -1.34
N VAL A 125 -7.58 12.10 -2.09
CA VAL A 125 -6.89 13.27 -2.68
C VAL A 125 -6.34 14.17 -1.62
N GLY A 126 -5.03 14.47 -1.70
CA GLY A 126 -4.50 15.33 -0.65
C GLY A 126 -3.61 14.60 0.36
N LEU A 127 -3.77 13.28 0.49
CA LEU A 127 -2.91 12.55 1.44
C LEU A 127 -1.39 12.81 1.18
N PRO A 128 -0.53 12.46 2.12
CA PRO A 128 0.90 12.45 1.91
C PRO A 128 1.24 11.56 0.72
N LYS A 129 1.87 12.14 -0.29
CA LYS A 129 2.26 11.50 -1.52
C LYS A 129 3.54 10.69 -1.37
N PRO A 130 3.41 9.37 -1.55
CA PRO A 130 4.58 8.49 -1.48
C PRO A 130 5.73 8.99 -2.36
N ASP A 131 6.96 8.85 -1.91
CA ASP A 131 8.14 9.11 -2.75
C ASP A 131 8.43 7.94 -3.66
N LEU A 132 7.95 6.74 -3.25
CA LEU A 132 8.23 5.51 -3.98
C LEU A 132 7.06 4.55 -3.80
N VAL A 133 6.57 4.07 -4.93
CA VAL A 133 5.42 3.14 -4.87
C VAL A 133 5.86 1.84 -5.53
N LEU A 134 6.12 0.82 -4.72
CA LEU A 134 6.60 -0.44 -5.25
C LEU A 134 5.35 -1.28 -5.56
N PHE A 135 5.30 -1.89 -6.73
CA PHE A 135 4.19 -2.79 -7.09
C PHE A 135 4.78 -4.19 -7.26
N LEU A 136 4.46 -5.11 -6.39
CA LEU A 136 5.03 -6.44 -6.35
C LEU A 136 4.25 -7.33 -7.34
N GLN A 137 4.86 -7.57 -8.49
CA GLN A 137 4.19 -8.34 -9.53
C GLN A 137 4.45 -9.83 -9.41
N LEU A 138 3.32 -10.57 -9.55
CA LEU A 138 3.37 -12.01 -9.33
C LEU A 138 2.23 -12.66 -10.11
N GLN A 139 2.51 -13.87 -10.57
CA GLN A 139 1.53 -14.67 -11.29
C GLN A 139 0.32 -14.95 -10.41
N LEU A 140 -0.80 -14.25 -10.63
CA LEU A 140 -2.00 -14.50 -9.85
C LEU A 140 -2.12 -16.00 -9.56
N ALA A 141 -1.71 -16.79 -10.55
CA ALA A 141 -1.74 -18.24 -10.31
C ALA A 141 -0.59 -18.65 -9.40
N ASP A 142 0.59 -18.19 -9.80
CA ASP A 142 1.88 -18.52 -9.15
C ASP A 142 1.90 -17.84 -7.80
N ALA A 143 0.79 -17.18 -7.53
CA ALA A 143 0.44 -16.49 -6.31
C ALA A 143 -0.54 -17.31 -5.47
N ALA A 144 -1.20 -18.25 -6.15
CA ALA A 144 -2.15 -19.12 -5.47
C ALA A 144 -1.34 -20.31 -4.95
N LYS A 145 -0.21 -20.54 -5.61
CA LYS A 145 0.74 -21.57 -5.19
C LYS A 145 1.49 -21.03 -3.95
N ARG A 146 0.99 -19.93 -3.39
CA ARG A 146 1.50 -19.31 -2.19
C ARG A 146 0.51 -19.59 -1.06
N GLY A 147 0.01 -20.82 -1.22
CA GLY A 147 -0.93 -21.38 -0.27
C GLY A 147 -2.34 -21.54 -0.77
N ALA A 148 -3.21 -20.62 -0.45
CA ALA A 148 -4.61 -20.69 -0.84
C ALA A 148 -5.29 -19.43 -0.28
N PHE A 149 -6.20 -18.91 -1.10
CA PHE A 149 -6.94 -17.72 -0.72
C PHE A 149 -7.34 -17.80 0.75
N GLY A 150 -7.22 -16.69 1.47
CA GLY A 150 -7.64 -16.73 2.88
C GLY A 150 -9.18 -16.77 2.82
N HIS A 151 -9.82 -16.62 3.98
CA HIS A 151 -11.27 -16.60 4.04
C HIS A 151 -11.83 -15.18 4.04
N GLU A 152 -10.98 -14.16 3.86
CA GLU A 152 -11.49 -12.80 3.96
C GLU A 152 -12.21 -12.35 2.69
N ARG A 153 -12.91 -11.21 2.86
CA ARG A 153 -13.59 -10.64 1.71
C ARG A 153 -12.57 -10.35 0.61
N TYR A 154 -13.01 -10.42 -0.64
CA TYR A 154 -12.18 -10.11 -1.77
C TYR A 154 -11.16 -11.19 -2.11
N GLU A 155 -10.94 -12.14 -1.18
CA GLU A 155 -9.95 -13.17 -1.49
C GLU A 155 -10.47 -14.26 -2.44
N ASN A 156 -10.70 -13.93 -3.69
CA ASN A 156 -11.07 -14.89 -4.70
C ASN A 156 -10.48 -14.40 -6.02
N GLY A 157 -10.27 -15.36 -6.93
CA GLY A 157 -9.65 -15.06 -8.20
C GLY A 157 -10.27 -13.97 -9.03
N ALA A 158 -11.58 -14.08 -9.28
CA ALA A 158 -12.21 -13.08 -10.13
C ALA A 158 -12.06 -11.66 -9.54
N PHE A 159 -12.24 -11.58 -8.21
CA PHE A 159 -12.18 -10.21 -7.63
C PHE A 159 -10.74 -9.68 -7.77
N GLN A 160 -9.79 -10.55 -7.53
CA GLN A 160 -8.35 -10.19 -7.65
C GLN A 160 -8.02 -9.70 -9.04
N GLU A 161 -8.64 -10.35 -10.04
CA GLU A 161 -8.43 -9.94 -11.42
C GLU A 161 -9.05 -8.57 -11.67
N ARG A 162 -10.23 -8.25 -11.13
CA ARG A 162 -10.74 -6.91 -11.38
C ARG A 162 -9.86 -5.89 -10.65
N ALA A 163 -9.35 -6.21 -9.46
CA ALA A 163 -8.48 -5.17 -8.79
C ALA A 163 -7.16 -4.98 -9.52
N LEU A 164 -6.57 -6.03 -10.06
CA LEU A 164 -5.33 -5.86 -10.85
C LEU A 164 -5.54 -4.93 -12.05
N ARG A 165 -6.72 -4.94 -12.67
CA ARG A 165 -6.93 -4.00 -13.79
C ARG A 165 -6.93 -2.59 -13.26
N CYS A 166 -7.57 -2.44 -12.05
CA CYS A 166 -7.63 -1.10 -11.46
C CYS A 166 -6.20 -0.67 -11.12
N PHE A 167 -5.42 -1.62 -10.59
CA PHE A 167 -4.03 -1.19 -10.29
C PHE A 167 -3.39 -0.73 -11.57
N HIS A 168 -3.69 -1.43 -12.68
CA HIS A 168 -3.02 -1.00 -13.95
C HIS A 168 -3.46 0.37 -14.40
N GLN A 169 -4.69 0.83 -14.19
CA GLN A 169 -5.08 2.18 -14.57
C GLN A 169 -4.29 3.21 -13.76
N LEU A 170 -4.17 2.95 -12.46
CA LEU A 170 -3.49 3.85 -11.53
C LEU A 170 -2.01 3.95 -11.91
N MET A 171 -1.49 2.91 -12.57
CA MET A 171 -0.07 2.94 -12.92
C MET A 171 0.23 3.88 -14.09
N LYS A 172 -0.79 4.35 -14.79
CA LYS A 172 -0.56 5.31 -15.88
C LYS A 172 -0.27 6.70 -15.30
N ASP A 173 -0.37 6.86 -13.96
CA ASP A 173 0.00 8.14 -13.38
C ASP A 173 1.50 8.28 -13.61
N THR A 174 1.95 9.43 -14.06
CA THR A 174 3.40 9.56 -14.29
C THR A 174 3.95 10.40 -13.15
N THR A 175 3.01 11.07 -12.46
CA THR A 175 3.51 11.87 -11.34
C THR A 175 3.77 11.05 -10.08
N LEU A 176 3.50 9.76 -10.09
CA LEU A 176 3.79 8.92 -8.93
C LEU A 176 5.02 8.09 -9.29
N ASN A 177 6.05 8.01 -8.50
CA ASN A 177 7.24 7.18 -8.81
C ASN A 177 6.98 5.71 -8.54
N TRP A 178 6.34 5.03 -9.47
CA TRP A 178 6.00 3.65 -9.49
C TRP A 178 7.19 2.79 -9.95
N LYS A 179 7.51 1.76 -9.15
CA LYS A 179 8.55 0.83 -9.59
C LYS A 179 7.98 -0.58 -9.57
N MET A 180 8.14 -1.33 -10.68
CA MET A 180 7.62 -2.72 -10.64
C MET A 180 8.73 -3.58 -10.02
N VAL A 181 8.37 -4.59 -9.28
CA VAL A 181 9.29 -5.53 -8.67
C VAL A 181 8.79 -6.92 -9.09
N ASP A 182 9.70 -7.75 -9.52
CA ASP A 182 9.30 -9.13 -9.88
C ASP A 182 9.20 -9.94 -8.59
N ALA A 183 7.99 -10.13 -8.09
CA ALA A 183 7.82 -10.79 -6.79
C ALA A 183 7.81 -12.30 -6.90
N SER A 184 8.22 -12.85 -8.05
CA SER A 184 8.22 -14.31 -8.21
C SER A 184 9.52 -14.93 -7.68
N LYS A 185 10.55 -14.11 -7.52
CA LYS A 185 11.83 -14.65 -7.04
C LYS A 185 11.77 -15.03 -5.58
N SER A 186 12.88 -15.50 -5.01
CA SER A 186 12.87 -15.91 -3.62
C SER A 186 12.60 -14.65 -2.75
N ILE A 187 12.35 -14.95 -1.49
CA ILE A 187 12.15 -13.88 -0.50
C ILE A 187 13.38 -12.98 -0.40
N GLU A 188 14.58 -13.58 -0.35
CA GLU A 188 15.80 -12.78 -0.24
C GLU A 188 16.11 -12.02 -1.50
N ALA A 189 15.78 -12.58 -2.67
CA ALA A 189 16.09 -11.84 -3.90
C ALA A 189 15.15 -10.67 -4.11
N VAL A 190 13.87 -10.83 -3.79
CA VAL A 190 12.87 -9.75 -3.90
C VAL A 190 13.34 -8.65 -2.98
N HIS A 191 13.68 -9.09 -1.75
CA HIS A 191 14.22 -8.20 -0.70
C HIS A 191 15.35 -7.35 -1.17
N GLU A 192 16.42 -7.91 -1.74
CA GLU A 192 17.54 -7.13 -2.26
C GLU A 192 17.12 -6.17 -3.34
N ASP A 193 16.25 -6.48 -4.29
CA ASP A 193 15.79 -5.52 -5.29
C ASP A 193 15.06 -4.33 -4.64
N ILE A 194 14.20 -4.65 -3.69
CA ILE A 194 13.39 -3.66 -2.95
C ILE A 194 14.33 -2.75 -2.14
N ARG A 195 15.28 -3.34 -1.46
CA ARG A 195 16.18 -2.56 -0.61
C ARG A 195 16.96 -1.51 -1.43
N VAL A 196 17.47 -1.90 -2.57
CA VAL A 196 18.23 -0.98 -3.42
C VAL A 196 17.37 0.14 -3.94
N LEU A 197 16.18 -0.08 -4.49
CA LEU A 197 15.32 1.02 -4.95
C LEU A 197 14.93 1.90 -3.80
N SER A 198 14.73 1.29 -2.60
CA SER A 198 14.35 2.11 -1.43
C SER A 198 15.51 2.97 -0.98
N GLU A 199 16.75 2.49 -0.94
CA GLU A 199 17.90 3.33 -0.52
C GLU A 199 18.06 4.53 -1.46
N ASP A 200 17.84 4.19 -2.71
CA ASP A 200 17.87 5.25 -3.77
C ASP A 200 16.81 6.30 -3.52
N ALA A 201 15.54 5.89 -3.25
CA ALA A 201 14.52 6.88 -2.96
C ALA A 201 14.74 7.72 -1.73
N ILE A 202 15.21 7.12 -0.65
CA ILE A 202 15.56 7.78 0.58
C ILE A 202 16.64 8.86 0.32
N ALA A 203 17.69 8.56 -0.36
CA ALA A 203 18.74 9.56 -0.68
C ALA A 203 18.09 10.74 -1.42
N THR A 204 17.26 10.60 -2.45
CA THR A 204 16.58 11.75 -3.07
C THR A 204 15.50 12.47 -2.26
N ALA A 205 14.62 11.80 -1.56
CA ALA A 205 13.65 12.34 -0.67
C ALA A 205 14.17 13.46 0.21
N THR A 206 15.26 13.19 0.97
CA THR A 206 15.70 14.34 1.77
C THR A 206 15.88 15.56 0.86
N GLU A 207 15.46 15.58 -0.41
CA GLU A 207 15.77 16.76 -1.21
C GLU A 207 14.51 17.51 -1.67
N LYS A 208 13.36 16.85 -1.76
CA LYS A 208 12.15 17.56 -2.20
C LYS A 208 11.08 17.50 -1.11
N PRO A 209 10.21 18.48 -1.03
CA PRO A 209 9.18 18.51 -0.03
C PRO A 209 8.20 17.32 -0.19
N LEU A 210 7.60 16.96 0.96
CA LEU A 210 6.61 15.82 0.84
C LEU A 210 5.50 16.32 -0.06
N GLY A 211 5.07 15.61 -1.07
CA GLY A 211 4.03 15.95 -1.99
C GLY A 211 2.65 15.60 -1.46
N GLU A 212 1.66 15.96 -2.25
CA GLU A 212 0.25 15.73 -1.93
C GLU A 212 -0.26 14.77 -2.97
N LEU A 213 -0.90 13.67 -2.56
CA LEU A 213 -1.41 12.68 -3.47
C LEU A 213 -2.55 13.13 -4.40
N TRP A 214 -2.47 12.83 -5.70
CA TRP A 214 -3.50 13.07 -6.70
C TRP A 214 -3.94 14.52 -6.76
N LYS A 215 -3.07 15.47 -6.48
CA LYS A 215 -3.44 16.87 -6.67
C LYS A 215 -2.18 17.69 -6.97
P TMP B . -4.35 -7.70 4.09
O1P TMP B . -4.38 -8.20 5.47
O2P TMP B . -3.86 -8.70 3.04
O3P TMP B . -3.43 -6.36 3.88
O5' TMP B . -5.75 -7.31 3.50
C5' TMP B . -6.69 -6.28 3.72
C4' TMP B . -7.73 -6.12 2.59
O4' TMP B . -8.38 -4.87 2.43
C3' TMP B . -7.26 -6.61 1.22
O3' TMP B . -8.29 -7.41 0.65
C2' TMP B . -7.14 -5.26 0.45
C1' TMP B . -8.19 -4.40 1.10
N1 TMP B . -8.26 -2.95 1.15
C2 TMP B . -9.43 -2.27 0.69
O2 TMP B . -10.42 -2.87 0.22
N3 TMP B . -9.37 -0.90 0.85
C4 TMP B . -8.29 -0.27 1.42
O4 TMP B . -8.21 1.09 1.60
C5 TMP B . -7.12 -1.06 1.89
C5M TMP B . -5.94 -0.39 2.55
C6 TMP B . -7.19 -2.43 1.80
PB ADP C . 0.94 -10.36 1.13
O1B ADP C . 1.22 -9.77 -0.26
O2B ADP C . 1.02 -9.52 2.27
O3B ADP C . -0.36 -11.26 1.04
PA ADP C . 2.75 -12.28 2.44
O1A ADP C . 1.77 -12.37 3.54
O2A ADP C . 3.97 -11.48 2.79
O3A ADP C . 2.12 -11.55 1.11
O5' ADP C . 3.20 -13.64 1.78
C5' ADP C . 2.21 -14.64 1.44
C4' ADP C . 2.81 -16.04 1.69
O4' ADP C . 3.84 -16.27 0.75
C3' ADP C . 3.39 -16.17 3.08
O3' ADP C . 3.46 -17.53 3.47
C2' ADP C . 4.86 -15.74 2.79
O2' ADP C . 5.75 -16.22 3.74
C1' ADP C . 5.06 -16.43 1.45
N9 ADP C . 6.11 -15.76 0.68
C8 ADP C . 6.32 -14.39 0.75
N7 ADP C . 7.14 -13.99 -0.19
C5 ADP C . 7.48 -15.12 -0.94
C6 ADP C . 8.35 -15.30 -2.02
N6 ADP C . 9.04 -14.40 -2.66
N1 ADP C . 8.40 -16.59 -2.42
C2 ADP C . 7.72 -17.59 -1.87
N3 ADP C . 6.91 -17.50 -0.83
C4 ADP C . 6.85 -16.25 -0.43
MG MG D . -0.13 -8.91 3.77
MG MG E . -13.45 15.93 -9.62
AL AF3 F . -2.18 -10.11 1.57
F1 AF3 F . -1.59 -8.92 2.50
F2 AF3 F . -2.32 -10.09 -0.04
F3 AF3 F . -2.68 -11.24 2.55
#